data_7QF8
#
_entry.id   7QF8
#
_cell.length_a   78.448
_cell.length_b   78.796
_cell.length_c   151.313
_cell.angle_alpha   90.000
_cell.angle_beta   90.000
_cell.angle_gamma   90.000
#
_symmetry.space_group_name_H-M   'C 2 2 21'
#
loop_
_entity.id
_entity.type
_entity.pdbx_description
1 polymer 'GMC oxidoreductase family protein'
2 non-polymer 'SULFATE ION'
3 non-polymer 2-AMINO-2-HYDROXYMETHYL-PROPANE-1,3-DIOL
4 non-polymer 'FLAVIN-ADENINE DINUCLEOTIDE'
5 water water
#
_entity_poly.entity_id   1
_entity_poly.type   'polypeptide(L)'
_entity_poly.pdbx_seq_one_letter_code
;MSGHRYPAAVDVAIVGSGPTASAYARILSEEAPGATIAMFEVGPTVSNPPGAHVKNIEDPDSRSLAQRASEGPGAGAATV
NSPGAVKSGERRARPGTYLLQDGYAFPGEDGMPVAAMSSNVGGMAAHWTAACPRPGGKERIPFLPDLEELLNDADRLLGV
TTHAFDGAPFSDLVRERLAAVVDQGRTPAFRVQPMPLAVHRRQDGALVWSGSDVVMGEATRDNPQFELFDESLVTRVLVE
DGTAAGVEVQDRRSGDTYQVAARYVVVGADALRTPQLLWASGIRPDALGRYLNDQAQVVFASRLRDVQPEDAPAAANGAL
SEQSGVAWVPYTDEAPFHGQIMQLDASPVPLADDDPIVPGSIVGLGLFCAKDLQREDRVAFDDDTRDSYGLPAMRIHYRL
TERDHVVLDRARQEIVRLGKAVGEPLDERPFVLPPGASLHYQGTTRMGETDDGESVCSPDSQVWQVPGLFVAGNGVIPTA
TACNPTLTSVALAVRGARKIAEEITSSLLMSESDNRLSK
;
_entity_poly.pdbx_strand_id   A
#
# COMPACT_ATOMS: atom_id res chain seq x y z
N ARG A 5 -28.58 -2.70 -11.26
CA ARG A 5 -27.16 -2.95 -11.55
C ARG A 5 -26.56 -3.95 -10.57
N TYR A 6 -26.93 -3.81 -9.29
CA TYR A 6 -26.35 -4.63 -8.24
C TYR A 6 -27.25 -5.77 -7.80
N PRO A 7 -26.66 -6.90 -7.36
CA PRO A 7 -27.50 -7.98 -6.82
C PRO A 7 -28.14 -7.56 -5.49
N ALA A 8 -29.33 -8.10 -5.18
CA ALA A 8 -30.02 -7.78 -3.93
C ALA A 8 -29.21 -8.32 -2.74
N ALA A 9 -28.58 -9.48 -2.90
CA ALA A 9 -27.75 -10.07 -1.83
C ALA A 9 -26.57 -10.89 -2.36
N VAL A 10 -25.51 -10.99 -1.54
CA VAL A 10 -24.32 -11.78 -1.80
C VAL A 10 -23.87 -12.41 -0.46
N ASP A 11 -22.93 -13.36 -0.50
CA ASP A 11 -22.36 -13.93 0.72
C ASP A 11 -21.30 -12.93 1.23
N VAL A 12 -20.41 -12.48 0.35
CA VAL A 12 -19.34 -11.52 0.66
C VAL A 12 -19.42 -10.26 -0.20
N ALA A 13 -19.43 -9.09 0.46
CA ALA A 13 -19.37 -7.80 -0.21
C ALA A 13 -17.99 -7.24 0.10
N ILE A 14 -17.24 -6.88 -0.92
CA ILE A 14 -15.88 -6.34 -0.75
C ILE A 14 -15.83 -4.90 -1.20
N VAL A 15 -15.33 -4.04 -0.32
CA VAL A 15 -15.16 -2.62 -0.59
C VAL A 15 -13.72 -2.34 -1.03
N GLY A 16 -13.58 -1.77 -2.23
CA GLY A 16 -12.28 -1.49 -2.80
C GLY A 16 -11.78 -2.61 -3.70
N SER A 17 -10.79 -2.30 -4.52
CA SER A 17 -10.21 -3.28 -5.43
C SER A 17 -8.70 -3.21 -5.51
N GLY A 18 -8.06 -2.76 -4.42
CA GLY A 18 -6.61 -2.76 -4.31
C GLY A 18 -6.10 -4.18 -4.05
N PRO A 19 -4.79 -4.37 -3.87
CA PRO A 19 -4.26 -5.72 -3.63
C PRO A 19 -4.78 -6.46 -2.39
N THR A 20 -5.15 -5.74 -1.30
CA THR A 20 -5.66 -6.43 -0.10
C THR A 20 -7.11 -6.91 -0.28
N ALA A 21 -7.99 -6.08 -0.87
CA ALA A 21 -9.35 -6.49 -1.18
C ALA A 21 -9.31 -7.59 -2.26
N SER A 22 -8.37 -7.47 -3.22
CA SER A 22 -8.18 -8.47 -4.27
C SER A 22 -7.72 -9.81 -3.68
N ALA A 23 -6.94 -9.78 -2.59
CA ALA A 23 -6.50 -11.00 -1.89
C ALA A 23 -7.71 -11.74 -1.32
N TYR A 24 -8.71 -11.04 -0.77
CA TYR A 24 -9.92 -11.69 -0.26
C TYR A 24 -10.65 -12.40 -1.42
N ALA A 25 -10.80 -11.70 -2.57
CA ALA A 25 -11.48 -12.26 -3.75
C ALA A 25 -10.81 -13.52 -4.26
N ARG A 26 -9.47 -13.55 -4.24
CA ARG A 26 -8.67 -14.65 -4.73
C ARG A 26 -8.77 -15.89 -3.86
N ILE A 27 -8.57 -15.75 -2.55
CA ILE A 27 -8.64 -16.88 -1.63
C ILE A 27 -10.04 -17.41 -1.51
N LEU A 28 -11.05 -16.51 -1.53
CA LEU A 28 -12.44 -16.96 -1.51
C LEU A 28 -12.76 -17.70 -2.82
N SER A 29 -12.19 -17.27 -3.97
CA SER A 29 -12.44 -17.98 -5.23
C SER A 29 -11.75 -19.34 -5.21
N GLU A 30 -10.55 -19.43 -4.63
CA GLU A 30 -9.83 -20.70 -4.55
C GLU A 30 -10.43 -21.67 -3.50
N GLU A 31 -10.74 -21.18 -2.29
CA GLU A 31 -11.13 -22.01 -1.14
C GLU A 31 -12.62 -22.12 -0.85
N ALA A 32 -13.45 -21.17 -1.30
CA ALA A 32 -14.92 -21.25 -1.13
C ALA A 32 -15.55 -20.99 -2.51
N PRO A 33 -15.38 -21.91 -3.47
CA PRO A 33 -15.81 -21.62 -4.86
C PRO A 33 -17.29 -21.31 -5.15
N GLY A 34 -18.21 -21.75 -4.30
CA GLY A 34 -19.62 -21.47 -4.55
C GLY A 34 -20.15 -20.16 -4.00
N ALA A 35 -19.38 -19.54 -3.11
CA ALA A 35 -19.75 -18.28 -2.47
C ALA A 35 -19.87 -17.10 -3.46
N THR A 36 -20.99 -16.36 -3.39
CA THR A 36 -21.21 -15.20 -4.25
C THR A 36 -20.47 -14.02 -3.65
N ILE A 37 -19.73 -13.32 -4.48
CA ILE A 37 -18.91 -12.18 -4.06
C ILE A 37 -19.19 -10.98 -4.98
N ALA A 38 -19.39 -9.81 -4.38
CA ALA A 38 -19.56 -8.59 -5.15
C ALA A 38 -18.45 -7.63 -4.66
N MET A 39 -17.59 -7.17 -5.56
CA MET A 39 -16.51 -6.23 -5.24
C MET A 39 -16.91 -4.86 -5.80
N PHE A 40 -16.86 -3.83 -4.97
CA PHE A 40 -17.29 -2.49 -5.40
C PHE A 40 -16.15 -1.52 -5.32
N GLU A 41 -15.81 -0.87 -6.43
CA GLU A 41 -14.72 0.08 -6.49
C GLU A 41 -15.27 1.44 -6.96
N VAL A 42 -14.97 2.52 -6.22
CA VAL A 42 -15.46 3.86 -6.54
C VAL A 42 -14.91 4.43 -7.84
N GLY A 43 -13.65 4.10 -8.14
CA GLY A 43 -12.99 4.58 -9.33
C GLY A 43 -13.33 3.78 -10.57
N PRO A 44 -12.95 4.29 -11.74
CA PRO A 44 -13.24 3.56 -12.98
C PRO A 44 -12.22 2.44 -13.27
N THR A 45 -12.51 1.60 -14.27
CA THR A 45 -11.55 0.58 -14.74
C THR A 45 -10.63 1.32 -15.67
N VAL A 46 -9.32 1.28 -15.41
CA VAL A 46 -8.35 2.04 -16.23
C VAL A 46 -7.36 1.13 -16.99
N SER A 47 -7.54 -0.19 -16.95
CA SER A 47 -6.59 -1.12 -17.51
C SER A 47 -7.21 -2.50 -17.78
N ASN A 48 -6.49 -3.34 -18.52
CA ASN A 48 -6.97 -4.66 -18.94
C ASN A 48 -5.85 -5.69 -18.78
N PRO A 49 -6.09 -6.81 -18.08
CA PRO A 49 -7.32 -7.15 -17.33
C PRO A 49 -7.59 -6.16 -16.18
N PRO A 50 -8.83 -6.07 -15.67
CA PRO A 50 -9.10 -5.09 -14.59
C PRO A 50 -8.08 -5.07 -13.45
N GLY A 51 -7.58 -3.88 -13.14
CA GLY A 51 -6.62 -3.70 -12.08
C GLY A 51 -5.16 -3.89 -12.49
N ALA A 52 -4.90 -4.10 -13.80
CA ALA A 52 -3.51 -4.27 -14.26
C ALA A 52 -2.76 -2.95 -14.15
N HIS A 53 -1.43 -3.01 -14.05
CA HIS A 53 -0.58 -1.83 -13.93
C HIS A 53 -0.68 -0.90 -15.13
N VAL A 54 -0.80 0.42 -14.88
CA VAL A 54 -0.87 1.38 -15.99
C VAL A 54 0.43 1.43 -16.81
N LYS A 55 1.60 1.03 -16.24
CA LYS A 55 2.86 1.08 -17.02
C LYS A 55 2.93 -0.01 -18.10
N ASN A 56 2.09 -1.05 -18.00
CA ASN A 56 2.02 -2.08 -19.03
C ASN A 56 1.19 -1.59 -20.27
N ILE A 57 0.60 -0.35 -20.20
CA ILE A 57 -0.14 0.26 -21.32
C ILE A 57 0.94 0.88 -22.20
N GLU A 58 1.16 0.31 -23.39
CA GLU A 58 2.22 0.75 -24.29
C GLU A 58 2.12 2.21 -24.75
N ASP A 59 0.92 2.65 -25.15
CA ASP A 59 0.66 4.01 -25.63
C ASP A 59 0.81 5.03 -24.52
N PRO A 60 1.74 6.00 -24.66
CA PRO A 60 1.93 7.01 -23.60
C PRO A 60 0.74 7.92 -23.36
N ASP A 61 0.00 8.32 -24.43
CA ASP A 61 -1.18 9.18 -24.28
C ASP A 61 -2.31 8.44 -23.55
N SER A 62 -2.56 7.16 -23.91
CA SER A 62 -3.54 6.30 -23.25
C SER A 62 -3.12 6.01 -21.80
N ARG A 63 -1.82 5.95 -21.53
CA ARG A 63 -1.27 5.73 -20.20
C ARG A 63 -1.51 6.96 -19.32
N SER A 64 -1.33 8.16 -19.88
CA SER A 64 -1.58 9.41 -19.18
C SER A 64 -3.05 9.53 -18.79
N LEU A 65 -3.95 9.12 -19.69
CA LEU A 65 -5.39 9.17 -19.44
C LEU A 65 -5.81 8.19 -18.33
N ALA A 66 -5.19 7.02 -18.29
CA ALA A 66 -5.48 6.03 -17.26
C ALA A 66 -5.03 6.55 -15.88
N GLN A 67 -3.91 7.29 -15.84
CA GLN A 67 -3.39 7.92 -14.63
C GLN A 67 -4.30 9.06 -14.18
N ARG A 68 -4.69 9.95 -15.11
CA ARG A 68 -5.60 11.07 -14.83
C ARG A 68 -6.95 10.57 -14.29
N ALA A 69 -7.58 9.56 -14.92
CA ALA A 69 -8.85 9.01 -14.44
C ALA A 69 -8.75 8.35 -13.06
N SER A 70 -7.54 8.12 -12.56
CA SER A 70 -7.30 7.52 -11.24
C SER A 70 -7.18 8.56 -10.13
N GLU A 71 -7.17 9.85 -10.46
CA GLU A 71 -6.90 10.90 -9.51
C GLU A 71 -8.10 11.55 -8.87
N GLY A 72 -9.27 10.91 -8.92
CA GLY A 72 -10.50 11.44 -8.32
C GLY A 72 -10.77 12.93 -8.50
N PRO A 73 -10.77 13.70 -7.41
CA PRO A 73 -10.98 15.16 -7.53
C PRO A 73 -9.75 15.97 -8.00
N GLY A 74 -8.57 15.36 -7.93
CA GLY A 74 -7.32 15.97 -8.37
C GLY A 74 -6.94 15.60 -9.78
N ALA A 75 -7.94 15.24 -10.62
CA ALA A 75 -7.73 14.85 -12.01
C ALA A 75 -7.15 16.00 -12.82
N GLY A 76 -7.70 17.20 -12.64
CA GLY A 76 -7.23 18.39 -13.35
C GLY A 76 -6.20 19.19 -12.58
N ALA A 77 -5.38 18.51 -11.77
CA ALA A 77 -4.33 19.18 -11.00
C ALA A 77 -2.95 18.79 -11.53
N ALA A 78 -1.98 19.73 -11.43
CA ALA A 78 -0.59 19.49 -11.83
C ALA A 78 0.05 18.40 -10.93
N THR A 79 0.86 17.51 -11.51
CA THR A 79 1.46 16.42 -10.74
C THR A 79 3.01 16.48 -10.70
N VAL A 80 3.62 15.65 -9.83
CA VAL A 80 5.06 15.53 -9.65
C VAL A 80 5.57 14.39 -10.53
N ASN A 81 6.15 14.72 -11.68
CA ASN A 81 6.66 13.68 -12.60
C ASN A 81 8.05 13.99 -13.11
N SER A 82 8.92 14.44 -12.21
CA SER A 82 10.31 14.79 -12.49
C SER A 82 11.05 14.92 -11.16
N PRO A 83 12.37 14.64 -11.14
CA PRO A 83 13.11 14.78 -9.87
C PRO A 83 13.23 16.24 -9.39
N GLY A 84 13.15 17.19 -10.30
CA GLY A 84 13.17 18.61 -9.94
C GLY A 84 11.92 18.99 -9.17
N ALA A 85 10.78 18.40 -9.56
CA ALA A 85 9.48 18.66 -8.92
C ALA A 85 9.42 18.02 -7.51
N VAL A 86 10.12 16.88 -7.30
CA VAL A 86 10.16 16.22 -6.01
C VAL A 86 10.94 17.09 -5.03
N LYS A 87 12.13 17.58 -5.46
CA LYS A 87 13.01 18.42 -4.66
C LYS A 87 12.45 19.82 -4.43
N SER A 88 11.53 20.30 -5.29
CA SER A 88 10.93 21.63 -5.10
C SER A 88 9.95 21.68 -3.92
N GLY A 89 9.51 20.53 -3.42
CA GLY A 89 8.59 20.44 -2.29
C GLY A 89 7.23 21.03 -2.57
N GLU A 90 6.83 21.06 -3.86
CA GLU A 90 5.52 21.58 -4.21
C GLU A 90 4.45 20.62 -3.66
N ARG A 91 3.34 21.16 -3.15
CA ARG A 91 2.29 20.33 -2.56
C ARG A 91 1.42 19.71 -3.65
N ARG A 92 2.02 18.82 -4.45
CA ARG A 92 1.38 18.14 -5.56
C ARG A 92 1.51 16.61 -5.41
N ALA A 93 0.58 15.90 -6.02
CA ALA A 93 0.56 14.45 -5.98
C ALA A 93 1.36 13.86 -7.15
N ARG A 94 1.79 12.60 -7.04
CA ARG A 94 2.45 11.95 -8.19
C ARG A 94 1.33 11.35 -9.09
N PRO A 95 1.57 11.16 -10.40
CA PRO A 95 0.50 10.68 -11.29
C PRO A 95 -0.22 9.41 -10.82
N GLY A 96 -1.53 9.37 -11.02
CA GLY A 96 -2.35 8.24 -10.56
C GLY A 96 -2.81 8.36 -9.12
N THR A 97 -2.39 9.43 -8.41
CA THR A 97 -2.78 9.66 -7.03
C THR A 97 -3.33 11.09 -6.85
N TYR A 98 -4.02 11.34 -5.74
CA TYR A 98 -4.54 12.67 -5.42
C TYR A 98 -4.35 13.03 -3.94
N LEU A 99 -4.21 14.32 -3.63
CA LEU A 99 -4.01 14.75 -2.24
C LEU A 99 -5.31 15.25 -1.60
N LEU A 100 -5.30 15.41 -0.27
CA LEU A 100 -6.40 16.05 0.44
C LEU A 100 -6.35 17.55 0.10
N GLN A 101 -7.50 18.23 0.03
CA GLN A 101 -7.48 19.67 -0.24
C GLN A 101 -7.36 20.51 1.03
N ASP A 102 -7.81 19.98 2.17
CA ASP A 102 -7.77 20.62 3.49
C ASP A 102 -7.65 19.53 4.58
N GLY A 103 -7.54 19.93 5.84
CA GLY A 103 -7.45 19.02 6.97
C GLY A 103 -6.24 18.13 7.02
N TYR A 104 -5.17 18.45 6.28
CA TYR A 104 -3.97 17.64 6.28
C TYR A 104 -2.96 18.05 7.38
N ALA A 105 -3.06 19.29 7.88
CA ALA A 105 -2.18 19.77 8.95
C ALA A 105 -2.92 20.70 9.91
N PHE A 106 -2.45 20.75 11.17
CA PHE A 106 -3.02 21.58 12.23
C PHE A 106 -1.88 22.28 12.99
N PRO A 107 -2.14 23.47 13.56
CA PRO A 107 -1.07 24.20 14.27
C PRO A 107 -0.42 23.39 15.40
N GLY A 108 0.91 23.47 15.47
CA GLY A 108 1.70 22.74 16.46
C GLY A 108 1.92 21.27 16.14
N GLU A 109 1.55 20.85 14.93
CA GLU A 109 1.67 19.49 14.44
C GLU A 109 2.21 19.49 13.01
N ASP A 110 2.84 18.39 12.60
CA ASP A 110 3.40 18.28 11.26
C ASP A 110 2.36 17.96 10.21
N GLY A 111 1.39 17.13 10.58
CA GLY A 111 0.37 16.65 9.67
C GLY A 111 0.96 15.79 8.57
N MET A 112 0.17 15.53 7.52
CA MET A 112 0.65 14.80 6.35
C MET A 112 0.23 15.60 5.13
N PRO A 113 0.97 16.67 4.80
CA PRO A 113 0.59 17.50 3.66
C PRO A 113 0.48 16.77 2.32
N VAL A 114 1.27 15.71 2.10
CA VAL A 114 1.23 15.00 0.82
C VAL A 114 0.65 13.58 0.93
N ALA A 115 -0.25 13.37 1.91
CA ALA A 115 -1.02 12.13 2.08
C ALA A 115 -1.84 11.91 0.80
N ALA A 116 -1.60 10.79 0.11
CA ALA A 116 -2.25 10.55 -1.16
C ALA A 116 -3.10 9.26 -1.18
N MET A 117 -4.05 9.21 -2.13
CA MET A 117 -5.01 8.14 -2.38
C MET A 117 -5.11 7.88 -3.92
N SER A 118 -5.52 6.68 -4.35
CA SER A 118 -5.78 6.39 -5.76
C SER A 118 -7.24 5.89 -5.87
N SER A 119 -7.97 6.32 -6.91
CA SER A 119 -9.36 5.88 -7.10
C SER A 119 -9.49 5.26 -8.46
N ASN A 120 -9.31 3.94 -8.50
CA ASN A 120 -9.37 3.18 -9.75
C ASN A 120 -9.45 1.69 -9.44
N VAL A 121 -9.85 0.88 -10.43
CA VAL A 121 -9.81 -0.58 -10.28
C VAL A 121 -8.33 -0.98 -10.22
N GLY A 122 -7.97 -1.65 -9.12
CA GLY A 122 -6.60 -2.01 -8.86
C GLY A 122 -5.95 -1.19 -7.76
N GLY A 123 -6.58 -0.09 -7.35
CA GLY A 123 -6.06 0.78 -6.30
C GLY A 123 -4.70 1.37 -6.64
N MET A 124 -3.85 1.60 -5.60
CA MET A 124 -2.50 2.10 -5.82
C MET A 124 -1.58 1.06 -6.47
N ALA A 125 -1.92 -0.26 -6.36
CA ALA A 125 -1.12 -1.29 -7.01
C ALA A 125 -1.21 -1.18 -8.58
N ALA A 126 -2.16 -0.40 -9.12
CA ALA A 126 -2.15 -0.12 -10.58
C ALA A 126 -1.03 0.92 -10.91
N HIS A 127 -0.35 1.50 -9.89
CA HIS A 127 0.66 2.56 -10.07
C HIS A 127 1.96 2.32 -9.29
N TRP A 128 2.03 1.30 -8.44
CA TRP A 128 3.14 1.07 -7.51
C TRP A 128 4.48 0.57 -8.13
N THR A 129 5.55 0.49 -7.32
CA THR A 129 6.84 -0.01 -7.84
C THR A 129 7.23 -1.39 -7.23
N ALA A 130 6.23 -2.13 -6.75
CA ALA A 130 6.24 -3.54 -6.39
C ALA A 130 7.35 -4.09 -5.46
N ALA A 131 8.00 -3.26 -4.62
CA ALA A 131 9.01 -3.78 -3.70
C ALA A 131 8.26 -4.54 -2.61
N CYS A 132 8.59 -5.83 -2.42
CA CYS A 132 7.94 -6.72 -1.45
C CYS A 132 8.88 -7.34 -0.43
N PRO A 133 9.51 -6.51 0.41
CA PRO A 133 10.37 -7.06 1.46
C PRO A 133 9.54 -7.72 2.58
N ARG A 134 10.23 -8.51 3.40
CA ARG A 134 9.64 -9.18 4.55
C ARG A 134 10.00 -8.37 5.77
N PRO A 135 9.09 -8.28 6.75
CA PRO A 135 9.42 -7.55 7.98
C PRO A 135 10.42 -8.35 8.84
N GLY A 136 11.14 -7.64 9.71
CA GLY A 136 12.08 -8.29 10.62
C GLY A 136 12.08 -7.64 11.98
N GLY A 137 12.59 -8.32 13.00
CA GLY A 137 12.66 -7.80 14.35
C GLY A 137 11.31 -7.36 14.90
N LYS A 138 11.26 -6.16 15.49
CA LYS A 138 10.01 -5.63 16.06
C LYS A 138 8.95 -5.25 15.00
N GLU A 139 9.28 -5.32 13.70
CA GLU A 139 8.25 -5.08 12.68
C GLU A 139 7.28 -6.27 12.67
N ARG A 140 7.77 -7.50 12.88
CA ARG A 140 6.91 -8.69 12.82
C ARG A 140 5.86 -8.69 13.92
N ILE A 141 4.60 -8.93 13.54
CA ILE A 141 3.46 -9.01 14.45
C ILE A 141 3.68 -10.30 15.25
N PRO A 142 3.94 -10.17 16.57
CA PRO A 142 4.33 -11.34 17.37
C PRO A 142 3.26 -12.37 17.66
N PHE A 143 1.98 -11.96 17.64
CA PHE A 143 0.89 -12.86 17.97
C PHE A 143 0.36 -13.70 16.78
N LEU A 144 1.09 -13.72 15.65
CA LEU A 144 0.70 -14.54 14.50
C LEU A 144 1.69 -15.67 14.35
N PRO A 145 1.40 -16.88 14.85
CA PRO A 145 2.37 -18.00 14.71
C PRO A 145 2.65 -18.42 13.27
N ASP A 146 1.68 -18.18 12.38
CA ASP A 146 1.71 -18.52 10.97
C ASP A 146 2.18 -17.39 10.04
N LEU A 147 2.79 -16.34 10.60
CA LEU A 147 3.27 -15.19 9.83
C LEU A 147 4.12 -15.56 8.61
N GLU A 148 5.09 -16.46 8.80
CA GLU A 148 5.96 -16.87 7.69
C GLU A 148 5.16 -17.52 6.56
N GLU A 149 4.24 -18.44 6.89
CA GLU A 149 3.39 -19.12 5.93
C GLU A 149 2.54 -18.12 5.15
N LEU A 150 1.88 -17.20 5.88
CA LEU A 150 1.07 -16.16 5.25
C LEU A 150 1.90 -15.27 4.33
N LEU A 151 3.15 -14.94 4.72
CA LEU A 151 4.04 -14.13 3.89
C LEU A 151 4.41 -14.88 2.61
N ASN A 152 4.62 -16.22 2.71
CA ASN A 152 4.90 -17.06 1.55
C ASN A 152 3.65 -17.11 0.63
N ASP A 153 2.43 -17.16 1.21
CA ASP A 153 1.19 -17.15 0.44
C ASP A 153 1.01 -15.80 -0.28
N ALA A 154 1.35 -14.70 0.41
CA ALA A 154 1.32 -13.34 -0.18
C ALA A 154 2.29 -13.23 -1.36
N ASP A 155 3.47 -13.87 -1.25
CA ASP A 155 4.45 -13.95 -2.33
C ASP A 155 3.84 -14.62 -3.55
N ARG A 156 3.10 -15.74 -3.33
CA ARG A 156 2.39 -16.47 -4.36
C ARG A 156 1.34 -15.56 -5.03
N LEU A 157 0.47 -14.88 -4.25
CA LEU A 157 -0.57 -14.04 -4.86
C LEU A 157 -0.03 -12.86 -5.68
N LEU A 158 1.04 -12.24 -5.22
CA LEU A 158 1.66 -11.12 -5.92
C LEU A 158 2.66 -11.55 -7.03
N GLY A 159 3.00 -12.84 -7.09
CA GLY A 159 3.98 -13.36 -8.04
C GLY A 159 5.35 -12.73 -7.77
N VAL A 160 5.74 -12.74 -6.51
CA VAL A 160 6.99 -12.14 -6.10
C VAL A 160 8.23 -12.95 -6.54
N THR A 161 9.28 -12.24 -6.98
CA THR A 161 10.54 -12.86 -7.36
C THR A 161 11.75 -12.03 -6.93
N THR A 162 12.83 -12.71 -6.58
CA THR A 162 14.09 -12.03 -6.28
C THR A 162 15.11 -12.20 -7.44
N HIS A 163 14.72 -12.88 -8.54
CA HIS A 163 15.65 -13.16 -9.63
C HIS A 163 15.33 -12.46 -10.96
N ALA A 164 14.48 -11.43 -10.97
CA ALA A 164 14.16 -10.75 -12.22
C ALA A 164 15.33 -9.98 -12.83
N PHE A 165 16.28 -9.56 -12.00
CA PHE A 165 17.46 -8.85 -12.48
C PHE A 165 18.74 -9.68 -12.44
N ASP A 166 18.60 -11.02 -12.50
CA ASP A 166 19.77 -11.89 -12.56
C ASP A 166 20.56 -11.78 -13.90
N GLY A 167 19.96 -11.12 -14.89
CA GLY A 167 20.57 -10.85 -16.19
C GLY A 167 21.03 -9.41 -16.35
N ALA A 168 20.70 -8.52 -15.38
CA ALA A 168 21.07 -7.11 -15.39
C ALA A 168 22.57 -6.94 -15.13
N PRO A 169 23.21 -6.02 -15.87
CA PRO A 169 24.67 -5.84 -15.73
C PRO A 169 25.17 -5.19 -14.44
N PHE A 170 24.41 -4.27 -13.82
CA PHE A 170 24.89 -3.58 -12.62
C PHE A 170 24.26 -4.03 -11.30
N SER A 171 23.38 -5.06 -11.30
CA SER A 171 22.72 -5.47 -10.06
C SER A 171 23.65 -6.14 -9.05
N ASP A 172 24.57 -7.04 -9.48
CA ASP A 172 25.47 -7.70 -8.55
C ASP A 172 26.52 -6.73 -7.99
N LEU A 173 26.95 -5.75 -8.80
CA LEU A 173 27.97 -4.78 -8.42
C LEU A 173 27.50 -3.82 -7.31
N VAL A 174 26.25 -3.34 -7.42
CA VAL A 174 25.62 -2.43 -6.46
C VAL A 174 25.47 -3.19 -5.13
N ARG A 175 24.99 -4.42 -5.20
CA ARG A 175 24.78 -5.30 -4.05
C ARG A 175 26.09 -5.57 -3.29
N GLU A 176 27.18 -5.91 -4.01
CA GLU A 176 28.45 -6.18 -3.36
C GLU A 176 29.09 -4.90 -2.78
N ARG A 177 28.87 -3.75 -3.42
CA ARG A 177 29.41 -2.49 -2.91
C ARG A 177 28.69 -2.02 -1.63
N LEU A 178 27.35 -2.25 -1.53
CA LEU A 178 26.60 -1.91 -0.32
C LEU A 178 26.92 -2.91 0.80
N ALA A 179 27.10 -4.19 0.45
CA ALA A 179 27.42 -5.25 1.42
C ALA A 179 28.70 -4.93 2.18
N ALA A 180 29.69 -4.29 1.53
CA ALA A 180 30.94 -3.92 2.18
C ALA A 180 30.76 -2.94 3.35
N VAL A 181 29.69 -2.14 3.36
CA VAL A 181 29.44 -1.20 4.46
C VAL A 181 28.20 -1.55 5.30
N VAL A 182 27.44 -2.60 4.96
CA VAL A 182 26.23 -2.95 5.72
C VAL A 182 26.30 -4.28 6.49
N ASP A 183 26.87 -5.32 5.87
CA ASP A 183 26.80 -6.70 6.33
C ASP A 183 27.54 -7.07 7.60
N GLN A 184 28.54 -6.30 8.01
CA GLN A 184 29.33 -6.58 9.21
C GLN A 184 28.49 -6.89 10.45
N GLY A 185 28.62 -8.09 10.97
CA GLY A 185 27.93 -8.51 12.19
C GLY A 185 26.48 -8.85 12.00
N ARG A 186 25.95 -8.83 10.75
CA ARG A 186 24.54 -9.16 10.49
C ARG A 186 24.32 -10.59 10.09
N THR A 187 23.19 -11.19 10.52
CA THR A 187 22.83 -12.53 10.07
C THR A 187 22.30 -12.43 8.61
N PRO A 188 22.29 -13.56 7.88
CA PRO A 188 21.93 -13.51 6.44
C PRO A 188 20.62 -12.82 6.09
N ALA A 189 19.54 -12.97 6.89
CA ALA A 189 18.26 -12.32 6.59
C ALA A 189 18.33 -10.79 6.64
N PHE A 190 19.30 -10.22 7.35
CA PHE A 190 19.43 -8.76 7.45
C PHE A 190 20.57 -8.17 6.57
N ARG A 191 21.20 -9.01 5.74
CA ARG A 191 22.27 -8.54 4.85
C ARG A 191 21.71 -7.93 3.54
N VAL A 192 22.53 -7.16 2.80
CA VAL A 192 22.12 -6.61 1.49
C VAL A 192 21.80 -7.77 0.57
N GLN A 193 20.62 -7.73 -0.02
CA GLN A 193 20.15 -8.80 -0.88
C GLN A 193 19.26 -8.20 -1.98
N PRO A 194 18.91 -8.96 -3.05
CA PRO A 194 17.99 -8.39 -4.04
C PRO A 194 16.61 -8.20 -3.39
N MET A 195 15.95 -7.11 -3.75
CA MET A 195 14.61 -6.82 -3.28
C MET A 195 13.66 -7.81 -3.92
N PRO A 196 12.80 -8.47 -3.13
CA PRO A 196 11.76 -9.30 -3.75
C PRO A 196 10.77 -8.35 -4.45
N LEU A 197 10.50 -8.58 -5.74
CA LEU A 197 9.64 -7.71 -6.53
C LEU A 197 8.44 -8.43 -7.11
N ALA A 198 7.29 -7.74 -7.11
CA ALA A 198 6.07 -8.26 -7.71
C ALA A 198 6.10 -7.90 -9.22
N VAL A 199 6.88 -8.67 -9.98
CA VAL A 199 7.04 -8.45 -11.42
C VAL A 199 6.68 -9.71 -12.21
N HIS A 200 5.87 -9.51 -13.26
CA HIS A 200 5.25 -10.47 -14.18
C HIS A 200 6.08 -10.65 -15.48
N ARG A 201 5.92 -11.80 -16.17
CA ARG A 201 6.63 -12.16 -17.39
C ARG A 201 8.12 -12.39 -17.15
N GLY A 205 7.06 -9.68 -25.09
CA GLY A 205 6.83 -10.00 -23.69
C GLY A 205 8.01 -9.71 -22.76
N ALA A 206 8.06 -8.50 -22.18
CA ALA A 206 9.14 -8.09 -21.29
C ALA A 206 8.70 -8.02 -19.81
N LEU A 207 9.65 -7.93 -18.86
CA LEU A 207 9.29 -7.85 -17.44
C LEU A 207 8.40 -6.65 -17.13
N VAL A 208 7.18 -6.93 -16.69
CA VAL A 208 6.19 -5.91 -16.40
C VAL A 208 5.79 -5.92 -14.94
N TRP A 209 5.24 -4.81 -14.45
CA TRP A 209 4.81 -4.70 -13.06
C TRP A 209 3.50 -5.45 -12.83
N SER A 210 3.35 -5.98 -11.62
CA SER A 210 2.14 -6.68 -11.25
C SER A 210 1.21 -5.75 -10.49
N GLY A 211 -0.06 -5.78 -10.84
CA GLY A 211 -1.07 -4.97 -10.16
C GLY A 211 -2.08 -5.87 -9.48
N SER A 212 -3.30 -5.35 -9.23
CA SER A 212 -4.36 -6.18 -8.62
C SER A 212 -4.80 -7.33 -9.51
N ASP A 213 -4.59 -7.22 -10.84
CA ASP A 213 -4.92 -8.27 -11.80
C ASP A 213 -4.18 -9.58 -11.49
N VAL A 214 -2.93 -9.49 -11.03
CA VAL A 214 -2.16 -10.68 -10.68
C VAL A 214 -2.69 -11.30 -9.38
N VAL A 215 -3.07 -10.46 -8.41
CA VAL A 215 -3.59 -10.95 -7.14
C VAL A 215 -4.96 -11.62 -7.36
N MET A 216 -5.86 -10.98 -8.11
CA MET A 216 -7.16 -11.60 -8.42
C MET A 216 -6.94 -12.86 -9.25
N GLY A 217 -6.08 -12.74 -10.25
CA GLY A 217 -5.67 -13.84 -11.10
C GLY A 217 -6.79 -14.46 -11.88
N GLU A 218 -6.48 -15.60 -12.50
CA GLU A 218 -7.47 -16.30 -13.29
C GLU A 218 -8.53 -16.97 -12.39
N ALA A 219 -8.17 -17.33 -11.15
CA ALA A 219 -9.09 -17.93 -10.20
C ALA A 219 -10.31 -17.01 -9.95
N THR A 220 -10.06 -15.70 -9.78
CA THR A 220 -11.14 -14.74 -9.54
C THR A 220 -11.87 -14.40 -10.83
N ARG A 221 -11.12 -14.19 -11.93
CA ARG A 221 -11.72 -13.83 -13.21
C ARG A 221 -12.58 -14.95 -13.82
N ASP A 222 -12.24 -16.20 -13.54
CA ASP A 222 -13.01 -17.34 -14.04
C ASP A 222 -14.07 -17.83 -13.05
N ASN A 223 -14.22 -17.15 -11.89
CA ASN A 223 -15.21 -17.50 -10.88
C ASN A 223 -16.55 -16.93 -11.32
N PRO A 224 -17.51 -17.81 -11.66
CA PRO A 224 -18.85 -17.33 -12.05
C PRO A 224 -19.61 -16.61 -10.93
N GLN A 225 -19.23 -16.86 -9.68
CA GLN A 225 -19.85 -16.29 -8.49
C GLN A 225 -19.27 -14.92 -8.09
N PHE A 226 -18.17 -14.48 -8.75
CA PHE A 226 -17.56 -13.18 -8.45
C PHE A 226 -18.00 -12.17 -9.50
N GLU A 227 -18.30 -10.96 -9.03
CA GLU A 227 -18.56 -9.86 -9.92
C GLU A 227 -17.87 -8.58 -9.42
N LEU A 228 -17.29 -7.81 -10.35
CA LEU A 228 -16.63 -6.56 -10.00
C LEU A 228 -17.44 -5.38 -10.55
N PHE A 229 -17.74 -4.39 -9.70
CA PHE A 229 -18.49 -3.21 -10.10
C PHE A 229 -17.63 -1.97 -9.91
N ASP A 230 -17.22 -1.33 -11.01
CA ASP A 230 -16.43 -0.10 -10.92
C ASP A 230 -17.39 1.09 -10.73
N GLU A 231 -16.90 2.35 -10.55
CA GLU A 231 -17.78 3.51 -10.33
C GLU A 231 -18.92 3.23 -9.32
N SER A 232 -18.58 2.57 -8.20
CA SER A 232 -19.52 2.15 -7.18
C SER A 232 -18.99 2.61 -5.83
N LEU A 233 -19.58 3.67 -5.30
CA LEU A 233 -19.13 4.24 -4.03
C LEU A 233 -19.87 3.64 -2.85
N VAL A 234 -19.15 2.91 -1.97
CA VAL A 234 -19.78 2.37 -0.77
C VAL A 234 -19.83 3.48 0.27
N THR A 235 -21.04 3.93 0.65
CA THR A 235 -21.24 5.02 1.60
C THR A 235 -21.52 4.54 3.01
N ARG A 236 -21.94 3.28 3.18
CA ARG A 236 -22.23 2.73 4.50
C ARG A 236 -22.01 1.24 4.52
N VAL A 237 -21.60 0.75 5.67
CA VAL A 237 -21.53 -0.66 6.02
C VAL A 237 -22.81 -0.84 6.85
N LEU A 238 -23.68 -1.75 6.45
CA LEU A 238 -24.95 -2.02 7.15
C LEU A 238 -24.76 -3.06 8.26
N VAL A 239 -25.36 -2.80 9.41
CA VAL A 239 -25.29 -3.70 10.57
C VAL A 239 -26.71 -4.04 11.03
N GLU A 240 -27.05 -5.32 11.13
CA GLU A 240 -28.36 -5.75 11.64
C GLU A 240 -28.10 -6.82 12.70
N ASP A 241 -28.67 -6.67 13.89
CA ASP A 241 -28.50 -7.57 15.03
C ASP A 241 -27.05 -7.65 15.51
N GLY A 242 -26.30 -6.56 15.36
CA GLY A 242 -24.90 -6.49 15.78
C GLY A 242 -23.89 -7.16 14.88
N THR A 243 -24.33 -7.70 13.75
CA THR A 243 -23.43 -8.38 12.81
C THR A 243 -23.46 -7.70 11.43
N ALA A 244 -22.46 -7.97 10.57
CA ALA A 244 -22.43 -7.39 9.22
C ALA A 244 -23.67 -7.83 8.43
N ALA A 245 -24.35 -6.87 7.82
CA ALA A 245 -25.58 -7.10 7.09
C ALA A 245 -25.57 -6.69 5.63
N GLY A 246 -24.55 -5.95 5.20
CA GLY A 246 -24.45 -5.52 3.82
C GLY A 246 -23.77 -4.20 3.61
N VAL A 247 -23.98 -3.59 2.44
CA VAL A 247 -23.38 -2.31 2.09
C VAL A 247 -24.40 -1.40 1.39
N GLU A 248 -24.28 -0.10 1.61
CA GLU A 248 -25.06 0.90 0.89
C GLU A 248 -24.12 1.32 -0.25
N VAL A 249 -24.57 1.26 -1.53
CA VAL A 249 -23.69 1.58 -2.66
C VAL A 249 -24.30 2.60 -3.62
N GLN A 250 -23.60 3.70 -3.86
CA GLN A 250 -24.04 4.72 -4.81
C GLN A 250 -23.40 4.46 -6.17
N ASP A 251 -24.24 4.13 -7.15
CA ASP A 251 -23.85 3.89 -8.52
C ASP A 251 -23.50 5.23 -9.15
N ARG A 252 -22.20 5.57 -9.20
CA ARG A 252 -21.71 6.86 -9.71
C ARG A 252 -22.06 7.10 -11.19
N ARG A 253 -22.46 6.05 -11.94
CA ARG A 253 -22.90 6.20 -13.33
C ARG A 253 -24.37 6.68 -13.43
N SER A 254 -25.10 6.79 -12.29
CA SER A 254 -26.50 7.23 -12.32
C SER A 254 -26.91 8.11 -11.13
N GLY A 255 -26.18 8.01 -10.03
CA GLY A 255 -26.51 8.73 -8.80
C GLY A 255 -27.40 7.92 -7.86
N ASP A 256 -27.95 6.79 -8.35
CA ASP A 256 -28.82 5.91 -7.56
C ASP A 256 -28.09 5.21 -6.44
N THR A 257 -28.72 5.18 -5.28
CA THR A 257 -28.18 4.51 -4.11
C THR A 257 -28.96 3.23 -3.79
N TYR A 258 -28.24 2.12 -3.72
CA TYR A 258 -28.81 0.81 -3.46
C TYR A 258 -28.32 0.23 -2.11
N GLN A 259 -28.96 -0.84 -1.65
CA GLN A 259 -28.52 -1.58 -0.48
C GLN A 259 -28.28 -3.01 -0.95
N VAL A 260 -27.11 -3.55 -0.66
CA VAL A 260 -26.77 -4.91 -1.06
C VAL A 260 -26.57 -5.70 0.19
N ALA A 261 -27.42 -6.71 0.43
CA ALA A 261 -27.29 -7.55 1.61
C ALA A 261 -26.10 -8.49 1.50
N ALA A 262 -25.50 -8.84 2.65
CA ALA A 262 -24.34 -9.71 2.73
C ALA A 262 -24.14 -10.30 4.14
N ARG A 263 -23.56 -11.49 4.19
CA ARG A 263 -23.21 -12.15 5.44
C ARG A 263 -21.81 -11.64 5.92
N TYR A 264 -20.92 -11.31 4.99
CA TYR A 264 -19.58 -10.80 5.28
C TYR A 264 -19.32 -9.50 4.53
N VAL A 265 -18.77 -8.51 5.21
CA VAL A 265 -18.36 -7.25 4.59
C VAL A 265 -16.86 -7.03 4.80
N VAL A 266 -16.10 -6.93 3.71
CA VAL A 266 -14.67 -6.73 3.77
C VAL A 266 -14.35 -5.33 3.27
N VAL A 267 -13.77 -4.47 4.11
CA VAL A 267 -13.40 -3.13 3.68
C VAL A 267 -11.90 -3.00 3.46
N GLY A 268 -11.48 -2.86 2.20
CA GLY A 268 -10.09 -2.63 1.83
C GLY A 268 -10.00 -1.32 1.05
N ALA A 269 -10.31 -0.22 1.71
CA ALA A 269 -10.44 1.07 1.04
C ALA A 269 -9.28 2.05 1.24
N ASP A 270 -8.11 1.54 1.65
CA ASP A 270 -6.87 2.26 2.00
C ASP A 270 -6.93 2.72 3.49
N ALA A 271 -5.79 3.12 4.03
CA ALA A 271 -5.59 3.49 5.43
C ALA A 271 -6.37 4.70 5.93
N LEU A 272 -6.85 5.53 5.01
CA LEU A 272 -7.58 6.74 5.39
C LEU A 272 -9.08 6.61 5.14
N ARG A 273 -9.46 6.09 3.98
CA ARG A 273 -10.84 5.89 3.61
C ARG A 273 -11.52 4.65 4.28
N THR A 274 -10.75 3.63 4.75
CA THR A 274 -11.35 2.52 5.51
C THR A 274 -11.91 3.05 6.85
N PRO A 275 -11.13 3.77 7.71
CA PRO A 275 -11.74 4.31 8.94
C PRO A 275 -12.81 5.36 8.63
N GLN A 276 -12.73 6.03 7.48
CA GLN A 276 -13.73 7.03 7.06
C GLN A 276 -15.10 6.36 6.83
N LEU A 277 -15.12 5.21 6.13
CA LEU A 277 -16.33 4.47 5.83
C LEU A 277 -16.90 3.88 7.13
N LEU A 278 -16.03 3.35 8.01
CA LEU A 278 -16.50 2.81 9.29
C LEU A 278 -17.09 3.93 10.16
N TRP A 279 -16.46 5.12 10.19
CA TRP A 279 -16.93 6.27 10.95
C TRP A 279 -18.32 6.70 10.47
N ALA A 280 -18.51 6.79 9.15
CA ALA A 280 -19.79 7.17 8.54
C ALA A 280 -20.90 6.12 8.78
N SER A 281 -20.52 4.88 9.01
CA SER A 281 -21.47 3.81 9.30
C SER A 281 -21.87 3.71 10.79
N GLY A 282 -21.34 4.58 11.63
CA GLY A 282 -21.57 4.53 13.06
C GLY A 282 -20.73 3.48 13.77
N ILE A 283 -19.71 2.92 13.10
CA ILE A 283 -18.84 1.92 13.69
C ILE A 283 -17.65 2.68 14.17
N ARG A 284 -17.74 3.20 15.40
CA ARG A 284 -16.71 4.06 15.95
C ARG A 284 -16.03 3.54 17.23
N PRO A 285 -15.23 2.45 17.18
CA PRO A 285 -14.47 2.06 18.39
C PRO A 285 -13.40 3.14 18.71
N ASP A 286 -12.96 3.24 19.98
CA ASP A 286 -12.02 4.29 20.40
C ASP A 286 -10.68 4.26 19.67
N ALA A 287 -10.21 3.09 19.21
CA ALA A 287 -8.95 2.99 18.50
C ALA A 287 -9.01 3.35 17.01
N LEU A 288 -10.22 3.56 16.46
CA LEU A 288 -10.41 3.86 15.04
C LEU A 288 -9.65 5.08 14.55
N GLY A 289 -8.78 4.85 13.59
CA GLY A 289 -7.95 5.89 12.98
C GLY A 289 -6.80 6.38 13.83
N ARG A 290 -6.66 5.87 15.06
CA ARG A 290 -5.58 6.26 15.96
C ARG A 290 -4.34 5.36 15.76
N TYR A 291 -3.20 5.80 16.34
CA TYR A 291 -1.89 5.18 16.18
C TYR A 291 -1.50 5.19 14.69
N LEU A 292 -1.92 6.23 13.95
CA LEU A 292 -1.60 6.43 12.54
C LEU A 292 -0.08 6.63 12.45
N ASN A 293 0.54 5.93 11.52
CA ASN A 293 1.98 6.09 11.32
C ASN A 293 2.35 6.09 9.88
N ASP A 294 3.08 7.13 9.47
CA ASP A 294 3.71 7.28 8.15
C ASP A 294 5.16 6.80 8.29
N GLN A 295 5.79 6.40 7.18
CA GLN A 295 7.20 6.02 7.23
C GLN A 295 8.02 7.22 6.79
N ALA A 296 8.73 7.92 7.72
CA ALA A 296 9.57 9.10 7.40
C ALA A 296 10.53 8.75 6.28
N GLN A 297 10.50 9.49 5.17
CA GLN A 297 11.31 9.14 4.01
C GLN A 297 12.44 10.14 3.63
N VAL A 298 13.65 9.61 3.34
CA VAL A 298 14.80 10.38 2.90
C VAL A 298 15.23 9.81 1.56
N VAL A 299 15.59 10.68 0.63
CA VAL A 299 16.02 10.26 -0.71
C VAL A 299 17.39 10.85 -1.09
N PHE A 300 18.04 10.22 -2.08
CA PHE A 300 19.40 10.54 -2.53
C PHE A 300 19.66 9.87 -3.89
N ALA A 301 20.79 10.21 -4.54
CA ALA A 301 21.15 9.58 -5.81
C ALA A 301 22.64 9.44 -5.93
N SER A 302 23.10 8.43 -6.67
CA SER A 302 24.54 8.18 -6.79
C SER A 302 24.90 7.60 -8.14
N ARG A 303 26.07 7.96 -8.63
CA ARG A 303 26.59 7.49 -9.91
C ARG A 303 27.65 6.42 -9.65
N LEU A 304 27.48 5.22 -10.24
CA LEU A 304 28.41 4.09 -10.12
C LEU A 304 29.75 4.42 -10.83
N ARG A 305 30.85 3.81 -10.37
CA ARG A 305 32.19 4.12 -10.89
C ARG A 305 32.73 3.18 -12.02
N ASP A 306 32.00 3.07 -13.16
CA ASP A 306 32.49 2.20 -14.26
C ASP A 306 32.14 2.74 -15.68
N VAL A 307 32.56 2.00 -16.74
CA VAL A 307 32.46 2.40 -18.15
C VAL A 307 31.26 1.72 -18.91
N GLN A 308 31.13 2.00 -20.25
CA GLN A 308 30.18 1.52 -21.26
C GLN A 308 29.22 2.61 -21.72
N ALA A 319 8.23 -3.32 -20.66
CA ALA A 319 8.40 -1.89 -20.40
C ALA A 319 9.55 -1.62 -19.43
N LEU A 320 9.73 -2.51 -18.45
CA LEU A 320 10.78 -2.36 -17.45
C LEU A 320 12.15 -2.75 -18.03
N SER A 321 13.13 -1.86 -17.89
CA SER A 321 14.48 -2.11 -18.37
C SER A 321 15.27 -2.97 -17.36
N GLU A 322 16.33 -3.64 -17.82
CA GLU A 322 17.17 -4.47 -16.94
C GLU A 322 18.53 -3.80 -16.78
N GLN A 323 18.62 -2.84 -15.85
CA GLN A 323 19.84 -2.07 -15.61
C GLN A 323 20.59 -2.54 -14.34
N SER A 324 20.10 -2.17 -13.15
CA SER A 324 20.74 -2.55 -11.89
C SER A 324 19.79 -3.18 -10.88
N GLY A 325 18.52 -3.30 -11.24
CA GLY A 325 17.51 -3.87 -10.35
C GLY A 325 17.27 -3.06 -9.09
N VAL A 326 16.88 -3.75 -8.01
CA VAL A 326 16.58 -3.12 -6.74
C VAL A 326 17.29 -3.92 -5.63
N ALA A 327 18.12 -3.23 -4.84
CA ALA A 327 18.84 -3.78 -3.69
C ALA A 327 18.09 -3.39 -2.42
N TRP A 328 18.05 -4.33 -1.48
CA TRP A 328 17.35 -4.16 -0.23
C TRP A 328 18.35 -4.12 0.91
N VAL A 329 18.31 -3.05 1.72
CA VAL A 329 19.15 -2.91 2.92
C VAL A 329 18.17 -3.07 4.08
N PRO A 330 18.13 -4.25 4.69
CA PRO A 330 17.08 -4.52 5.67
C PRO A 330 17.13 -3.74 6.96
N TYR A 331 15.92 -3.50 7.46
CA TYR A 331 15.65 -2.89 8.75
C TYR A 331 16.21 -3.83 9.83
N THR A 332 16.67 -3.27 10.95
CA THR A 332 17.03 -3.99 12.18
C THR A 332 16.50 -3.12 13.36
N ASP A 333 16.30 -3.68 14.54
CA ASP A 333 15.82 -2.91 15.69
C ASP A 333 16.79 -1.80 16.05
N GLU A 334 18.10 -2.08 15.98
CA GLU A 334 19.18 -1.11 16.24
C GLU A 334 19.30 -0.03 15.17
N ALA A 335 18.97 -0.32 13.92
CA ALA A 335 19.08 0.67 12.83
C ALA A 335 17.71 0.64 12.14
N PRO A 336 16.71 1.31 12.77
CA PRO A 336 15.32 1.13 12.37
C PRO A 336 14.83 1.87 11.14
N PHE A 337 15.46 1.56 10.02
CA PHE A 337 15.11 2.10 8.71
C PHE A 337 15.29 1.03 7.64
N HIS A 338 14.54 1.16 6.58
CA HIS A 338 14.53 0.25 5.46
C HIS A 338 15.11 1.00 4.28
N GLY A 339 16.11 0.40 3.67
CA GLY A 339 16.78 0.97 2.51
C GLY A 339 16.51 0.26 1.20
N GLN A 340 16.46 1.04 0.13
CA GLN A 340 16.28 0.50 -1.22
C GLN A 340 17.09 1.31 -2.19
N ILE A 341 17.87 0.61 -3.01
CA ILE A 341 18.78 1.22 -3.97
C ILE A 341 18.29 0.70 -5.31
N MET A 342 17.88 1.59 -6.22
CA MET A 342 17.25 1.10 -7.43
C MET A 342 17.52 1.84 -8.68
N GLN A 343 17.34 1.13 -9.83
CA GLN A 343 17.37 1.74 -11.15
C GLN A 343 16.20 2.75 -11.21
N LEU A 344 16.43 3.85 -11.89
CA LEU A 344 15.48 4.96 -11.92
C LEU A 344 14.02 4.60 -12.27
N ASP A 345 13.77 3.56 -13.08
CA ASP A 345 12.37 3.19 -13.40
C ASP A 345 11.71 2.27 -12.35
N ALA A 346 12.44 1.87 -11.30
CA ALA A 346 11.88 1.06 -10.21
C ALA A 346 11.80 1.87 -8.89
N SER A 347 11.72 3.19 -9.00
CA SER A 347 11.67 4.07 -7.84
C SER A 347 10.24 4.59 -7.62
N PRO A 348 9.75 4.59 -6.37
CA PRO A 348 8.40 5.12 -6.10
C PRO A 348 8.26 6.64 -6.33
N VAL A 349 9.38 7.32 -6.51
CA VAL A 349 9.42 8.74 -6.72
C VAL A 349 10.60 9.09 -7.64
N PRO A 350 10.40 10.00 -8.62
CA PRO A 350 11.52 10.40 -9.51
C PRO A 350 12.71 10.95 -8.72
N LEU A 351 13.89 10.31 -8.83
CA LEU A 351 15.04 10.73 -8.02
C LEU A 351 16.17 11.37 -8.78
N ALA A 352 16.33 11.07 -10.07
CA ALA A 352 17.41 11.62 -10.88
C ALA A 352 17.18 11.35 -12.38
N ASP A 353 17.88 12.09 -13.26
CA ASP A 353 17.86 11.80 -14.69
C ASP A 353 19.00 10.80 -14.96
N ASP A 354 18.83 9.90 -15.94
CA ASP A 354 19.85 8.90 -16.26
C ASP A 354 21.06 9.53 -16.95
N ASP A 355 22.23 8.89 -16.85
CA ASP A 355 23.43 9.41 -17.48
C ASP A 355 23.37 9.15 -19.00
N PRO A 356 23.48 10.21 -19.81
CA PRO A 356 23.40 10.03 -21.27
C PRO A 356 24.43 9.08 -21.85
N ILE A 357 25.73 9.28 -21.53
CA ILE A 357 26.85 8.50 -22.05
C ILE A 357 26.88 7.04 -21.54
N VAL A 358 26.68 6.84 -20.23
CA VAL A 358 26.69 5.50 -19.62
C VAL A 358 25.35 5.24 -18.91
N PRO A 359 24.34 4.74 -19.66
CA PRO A 359 23.03 4.49 -19.04
C PRO A 359 23.05 3.36 -18.00
N GLY A 360 22.11 3.38 -17.07
CA GLY A 360 22.04 2.40 -15.99
C GLY A 360 23.05 2.62 -14.88
N SER A 361 23.98 3.59 -15.06
CA SER A 361 25.02 3.94 -14.10
C SER A 361 24.56 4.85 -12.96
N ILE A 362 23.30 5.31 -12.98
CA ILE A 362 22.79 6.15 -11.90
C ILE A 362 21.74 5.38 -11.10
N VAL A 363 21.90 5.31 -9.76
CA VAL A 363 20.89 4.67 -8.91
C VAL A 363 20.25 5.64 -7.94
N GLY A 364 19.01 5.37 -7.58
CA GLY A 364 18.30 6.16 -6.60
C GLY A 364 18.40 5.49 -5.24
N LEU A 365 18.34 6.26 -4.16
CA LEU A 365 18.41 5.70 -2.80
C LEU A 365 17.23 6.23 -2.00
N GLY A 366 16.57 5.33 -1.30
CA GLY A 366 15.48 5.69 -0.43
C GLY A 366 15.59 5.00 0.92
N LEU A 367 15.50 5.77 2.03
CA LEU A 367 15.42 5.24 3.40
C LEU A 367 14.04 5.61 3.98
N PHE A 368 13.42 4.66 4.68
CA PHE A 368 12.11 4.77 5.28
C PHE A 368 12.23 4.46 6.77
N CYS A 369 11.73 5.33 7.64
CA CYS A 369 11.87 5.13 9.09
C CYS A 369 10.66 4.51 9.75
N ALA A 370 10.89 3.66 10.76
CA ALA A 370 9.84 3.12 11.61
C ALA A 370 9.46 4.27 12.57
N LYS A 371 8.17 4.43 12.81
CA LYS A 371 7.66 5.50 13.65
C LYS A 371 7.58 5.15 15.16
N ASP A 372 7.63 6.18 16.00
CA ASP A 372 7.43 6.10 17.42
C ASP A 372 5.89 6.20 17.57
N LEU A 373 5.21 5.03 17.73
CA LEU A 373 3.75 4.93 17.78
C LEU A 373 3.11 5.73 18.89
N GLN A 374 2.17 6.62 18.49
CA GLN A 374 1.46 7.48 19.44
C GLN A 374 -0.05 7.41 19.23
N ARG A 375 -0.81 7.35 20.32
CA ARG A 375 -2.27 7.30 20.26
C ARG A 375 -2.84 8.57 19.64
N GLU A 376 -2.19 9.73 19.87
CA GLU A 376 -2.68 11.01 19.36
C GLU A 376 -2.38 11.25 17.90
N ASP A 377 -1.59 10.38 17.24
CA ASP A 377 -1.37 10.47 15.79
C ASP A 377 -2.57 9.77 15.20
N ARG A 378 -3.43 10.52 14.50
CA ARG A 378 -4.67 9.95 14.03
C ARG A 378 -5.28 10.62 12.83
N VAL A 379 -6.23 9.92 12.22
CA VAL A 379 -7.08 10.49 11.21
C VAL A 379 -8.46 10.55 11.87
N ALA A 380 -8.98 11.76 12.04
CA ALA A 380 -10.29 12.07 12.63
C ALA A 380 -11.27 12.48 11.52
N PHE A 381 -12.58 12.43 11.80
CA PHE A 381 -13.59 12.75 10.80
C PHE A 381 -14.62 13.75 11.31
N ASP A 382 -15.02 14.70 10.45
CA ASP A 382 -15.98 15.73 10.82
C ASP A 382 -17.24 15.58 9.98
N ASP A 383 -18.37 15.29 10.64
CA ASP A 383 -19.67 15.13 9.98
C ASP A 383 -20.23 16.44 9.42
N ASP A 384 -19.81 17.60 9.95
CA ASP A 384 -20.28 18.90 9.46
C ASP A 384 -19.67 19.29 8.10
N THR A 385 -18.50 18.73 7.75
CA THR A 385 -17.84 19.00 6.48
C THR A 385 -17.76 17.72 5.66
N ARG A 386 -18.23 17.75 4.39
CA ARG A 386 -18.21 16.57 3.52
C ARG A 386 -17.17 16.71 2.41
N ASP A 387 -16.53 15.60 1.99
CA ASP A 387 -15.51 15.67 0.94
C ASP A 387 -16.12 15.56 -0.50
N SER A 388 -15.26 15.47 -1.56
CA SER A 388 -15.69 15.34 -2.96
C SER A 388 -16.61 14.15 -3.22
N TYR A 389 -16.50 13.10 -2.40
CA TYR A 389 -17.38 11.93 -2.51
C TYR A 389 -18.63 11.99 -1.60
N GLY A 390 -18.78 13.06 -0.82
CA GLY A 390 -19.92 13.20 0.10
C GLY A 390 -19.73 12.47 1.42
N LEU A 391 -18.49 12.15 1.79
CA LEU A 391 -18.22 11.44 3.03
C LEU A 391 -17.64 12.38 4.10
N PRO A 392 -17.69 12.02 5.40
CA PRO A 392 -17.13 12.92 6.43
C PRO A 392 -15.66 13.28 6.17
N ALA A 393 -15.36 14.58 6.02
CA ALA A 393 -14.01 15.06 5.73
C ALA A 393 -12.94 14.55 6.69
N MET A 394 -11.75 14.32 6.17
CA MET A 394 -10.63 13.84 6.95
C MET A 394 -9.89 14.98 7.64
N ARG A 395 -9.48 14.76 8.90
CA ARG A 395 -8.72 15.69 9.76
C ARG A 395 -7.50 14.86 10.15
N ILE A 396 -6.28 15.22 9.72
CA ILE A 396 -5.08 14.46 10.07
C ILE A 396 -4.29 15.15 11.17
N HIS A 397 -4.18 14.48 12.33
CA HIS A 397 -3.40 14.96 13.47
C HIS A 397 -2.16 14.09 13.50
N TYR A 398 -1.02 14.67 13.12
CA TYR A 398 0.21 13.90 13.01
C TYR A 398 1.40 14.71 13.47
N ARG A 399 2.30 14.09 14.26
CA ARG A 399 3.45 14.81 14.78
C ARG A 399 4.66 13.91 15.05
N LEU A 400 5.83 14.33 14.56
CA LEU A 400 7.06 13.60 14.81
C LEU A 400 7.53 13.96 16.21
N THR A 401 7.82 12.95 17.04
CA THR A 401 8.31 13.15 18.40
C THR A 401 9.85 13.40 18.35
N GLU A 402 10.49 13.57 19.53
CA GLU A 402 11.93 13.75 19.66
C GLU A 402 12.64 12.50 19.12
N ARG A 403 12.13 11.30 19.50
CA ARG A 403 12.68 10.02 19.03
C ARG A 403 12.61 9.94 17.50
N ASP A 404 11.49 10.36 16.91
CA ASP A 404 11.31 10.35 15.44
C ASP A 404 12.35 11.19 14.73
N HIS A 405 12.63 12.39 15.27
CA HIS A 405 13.65 13.26 14.71
C HIS A 405 15.06 12.68 14.85
N VAL A 406 15.36 11.97 15.94
CA VAL A 406 16.67 11.36 16.12
C VAL A 406 16.84 10.24 15.06
N VAL A 407 15.80 9.41 14.88
CA VAL A 407 15.84 8.31 13.92
C VAL A 407 15.97 8.85 12.49
N LEU A 408 15.22 9.89 12.16
CA LEU A 408 15.29 10.47 10.83
C LEU A 408 16.67 11.10 10.55
N ASP A 409 17.33 11.63 11.59
CA ASP A 409 18.67 12.19 11.48
C ASP A 409 19.69 11.07 11.21
N ARG A 410 19.54 9.91 11.87
CA ARG A 410 20.38 8.75 11.62
C ARG A 410 20.18 8.26 10.18
N ALA A 411 18.94 8.34 9.65
CA ALA A 411 18.62 7.92 8.29
C ALA A 411 19.27 8.83 7.27
N ARG A 412 19.31 10.13 7.54
CA ARG A 412 19.99 11.07 6.66
C ARG A 412 21.51 10.77 6.59
N GLN A 413 22.12 10.36 7.72
CA GLN A 413 23.54 10.00 7.77
C GLN A 413 23.78 8.70 7.01
N GLU A 414 22.91 7.67 7.25
CA GLU A 414 23.02 6.35 6.65
C GLU A 414 22.88 6.38 5.13
N ILE A 415 21.91 7.14 4.61
CA ILE A 415 21.72 7.19 3.15
C ILE A 415 22.97 7.77 2.43
N VAL A 416 23.71 8.69 3.08
CA VAL A 416 24.92 9.28 2.51
C VAL A 416 26.05 8.22 2.52
N ARG A 417 26.14 7.43 3.60
CA ARG A 417 27.12 6.35 3.75
C ARG A 417 26.90 5.32 2.62
N LEU A 418 25.64 4.95 2.37
CA LEU A 418 25.30 4.01 1.30
C LEU A 418 25.51 4.59 -0.09
N GLY A 419 25.22 5.87 -0.26
CA GLY A 419 25.40 6.55 -1.53
C GLY A 419 26.86 6.65 -1.91
N LYS A 420 27.72 6.97 -0.93
CA LYS A 420 29.16 7.04 -1.16
C LYS A 420 29.76 5.66 -1.45
N ALA A 421 29.19 4.60 -0.86
CA ALA A 421 29.63 3.22 -1.03
C ALA A 421 29.38 2.70 -2.44
N VAL A 422 28.30 3.13 -3.12
CA VAL A 422 28.08 2.66 -4.50
C VAL A 422 28.84 3.52 -5.53
N GLY A 423 29.12 4.77 -5.20
CA GLY A 423 29.84 5.66 -6.10
C GLY A 423 29.91 7.11 -5.69
N GLU A 424 29.80 8.00 -6.69
CA GLU A 424 29.87 9.44 -6.51
C GLU A 424 28.46 10.01 -6.43
N PRO A 425 28.07 10.55 -5.28
CA PRO A 425 26.69 11.08 -5.15
C PRO A 425 26.38 12.24 -6.09
N LEU A 426 25.22 12.19 -6.75
CA LEU A 426 24.77 13.25 -7.66
C LEU A 426 24.37 14.53 -6.90
N ASP A 427 24.00 14.38 -5.64
CA ASP A 427 23.57 15.51 -4.83
C ASP A 427 24.47 15.59 -3.61
N GLU A 428 24.67 16.81 -3.13
CA GLU A 428 25.52 17.02 -1.96
C GLU A 428 24.80 16.54 -0.68
N ARG A 429 23.50 16.89 -0.53
CA ARG A 429 22.74 16.55 0.66
C ARG A 429 21.55 15.62 0.43
N PRO A 430 21.28 14.73 1.42
CA PRO A 430 20.07 13.90 1.34
C PRO A 430 18.81 14.76 1.55
N PHE A 431 17.72 14.40 0.89
CA PHE A 431 16.48 15.17 0.97
C PHE A 431 15.35 14.45 1.71
N VAL A 432 14.85 15.05 2.81
CA VAL A 432 13.71 14.48 3.52
C VAL A 432 12.44 14.88 2.79
N LEU A 433 11.57 13.90 2.54
CA LEU A 433 10.30 14.16 1.90
C LEU A 433 9.24 14.55 2.93
N PRO A 434 8.27 15.38 2.55
CA PRO A 434 7.23 15.80 3.51
C PRO A 434 6.42 14.63 4.06
N PRO A 435 5.87 14.72 5.29
CA PRO A 435 5.04 13.62 5.80
C PRO A 435 3.87 13.30 4.85
N GLY A 436 3.73 12.02 4.57
CA GLY A 436 2.75 11.47 3.64
C GLY A 436 3.40 10.94 2.37
N ALA A 437 4.69 11.29 2.11
CA ALA A 437 5.42 10.91 0.89
C ALA A 437 5.60 9.44 0.70
N SER A 438 5.82 8.67 1.79
CA SER A 438 6.02 7.22 1.63
C SER A 438 4.84 6.47 1.02
N LEU A 439 3.60 6.99 1.17
CA LEU A 439 2.34 6.32 0.78
C LEU A 439 2.12 5.03 1.58
N HIS A 440 2.74 4.93 2.76
CA HIS A 440 2.67 3.75 3.57
C HIS A 440 2.15 4.23 4.91
N TYR A 441 0.82 4.21 5.07
CA TYR A 441 0.17 4.66 6.30
C TYR A 441 -0.34 3.42 6.99
N GLN A 442 0.12 3.17 8.22
CA GLN A 442 -0.30 1.99 8.96
C GLN A 442 -1.08 2.36 10.22
N GLY A 443 -1.63 1.36 10.90
CA GLY A 443 -2.24 1.52 12.21
C GLY A 443 -3.64 2.09 12.41
N THR A 444 -4.32 2.52 11.35
CA THR A 444 -5.63 3.16 11.48
C THR A 444 -6.81 2.19 11.73
N THR A 445 -6.66 0.91 11.44
CA THR A 445 -7.69 -0.11 11.77
C THR A 445 -6.90 -1.35 12.28
N ARG A 446 -5.94 -1.12 13.16
CA ARG A 446 -4.96 -2.11 13.56
C ARG A 446 -5.46 -3.31 14.32
N MET A 447 -4.81 -4.44 14.06
CA MET A 447 -5.11 -5.68 14.72
C MET A 447 -4.41 -5.74 16.09
N GLY A 448 -4.98 -6.54 16.97
CA GLY A 448 -4.49 -6.77 18.32
C GLY A 448 -5.00 -8.10 18.86
N GLU A 449 -4.53 -8.48 20.05
CA GLU A 449 -4.94 -9.74 20.66
C GLU A 449 -6.32 -9.63 21.29
N THR A 450 -6.58 -8.54 21.99
CA THR A 450 -7.82 -8.35 22.72
C THR A 450 -8.52 -7.04 22.32
N ASP A 451 -9.78 -6.85 22.74
CA ASP A 451 -10.50 -5.62 22.47
C ASP A 451 -10.36 -4.70 23.68
N ASP A 452 -9.15 -4.20 23.90
CA ASP A 452 -8.84 -3.35 25.05
C ASP A 452 -9.06 -1.84 24.80
N GLY A 453 -9.31 -1.46 23.56
CA GLY A 453 -9.44 -0.04 23.22
C GLY A 453 -8.24 0.51 22.47
N GLU A 454 -7.27 -0.36 22.12
CA GLU A 454 -6.06 0.00 21.36
C GLU A 454 -6.05 -0.60 19.94
N SER A 455 -6.96 -1.54 19.65
CA SER A 455 -7.06 -2.14 18.33
C SER A 455 -8.49 -2.10 17.81
N VAL A 456 -8.62 -2.09 16.49
CA VAL A 456 -9.90 -2.06 15.82
C VAL A 456 -10.35 -3.49 15.47
N CYS A 457 -9.40 -4.39 15.15
CA CYS A 457 -9.77 -5.73 14.71
C CYS A 457 -8.96 -6.84 15.39
N SER A 458 -9.39 -8.08 15.20
CA SER A 458 -8.78 -9.30 15.78
C SER A 458 -7.55 -9.76 14.94
N PRO A 459 -6.80 -10.83 15.35
CA PRO A 459 -5.75 -11.35 14.47
C PRO A 459 -6.24 -11.87 13.12
N ASP A 460 -7.57 -12.13 12.97
CA ASP A 460 -8.11 -12.54 11.68
C ASP A 460 -8.66 -11.34 10.89
N SER A 461 -8.31 -10.11 11.29
CA SER A 461 -8.72 -8.84 10.70
C SER A 461 -10.23 -8.55 10.85
N GLN A 462 -10.91 -9.26 11.77
CA GLN A 462 -12.35 -9.08 12.01
C GLN A 462 -12.58 -8.00 13.07
N VAL A 463 -13.32 -6.95 12.70
CA VAL A 463 -13.61 -5.81 13.57
C VAL A 463 -14.26 -6.29 14.85
N TRP A 464 -13.64 -6.00 16.02
CA TRP A 464 -14.13 -6.47 17.31
C TRP A 464 -15.62 -6.17 17.53
N GLN A 465 -16.03 -4.94 17.23
CA GLN A 465 -17.38 -4.46 17.42
C GLN A 465 -18.43 -5.10 16.50
N VAL A 466 -18.04 -5.50 15.28
CA VAL A 466 -19.00 -6.03 14.31
C VAL A 466 -18.60 -7.38 13.73
N PRO A 467 -19.11 -8.51 14.27
CA PRO A 467 -18.81 -9.82 13.67
C PRO A 467 -19.23 -9.86 12.20
N GLY A 468 -18.40 -10.44 11.35
CA GLY A 468 -18.68 -10.49 9.92
C GLY A 468 -18.09 -9.33 9.13
N LEU A 469 -17.70 -8.25 9.83
CA LEU A 469 -17.06 -7.09 9.22
C LEU A 469 -15.54 -7.27 9.37
N PHE A 470 -14.84 -7.31 8.24
CA PHE A 470 -13.39 -7.49 8.19
C PHE A 470 -12.73 -6.26 7.57
N VAL A 471 -11.56 -5.87 8.08
CA VAL A 471 -10.81 -4.74 7.50
C VAL A 471 -9.54 -5.24 6.78
N ALA A 472 -9.12 -4.51 5.76
CA ALA A 472 -7.94 -4.89 4.98
C ALA A 472 -7.08 -3.68 4.64
N GLY A 473 -5.77 -3.91 4.54
CA GLY A 473 -4.85 -2.87 4.12
C GLY A 473 -3.72 -2.56 5.06
N ASN A 474 -2.93 -1.51 4.71
CA ASN A 474 -1.83 -1.09 5.55
C ASN A 474 -2.28 -0.63 6.94
N GLY A 475 -3.52 -0.13 7.04
CA GLY A 475 -4.14 0.28 8.30
C GLY A 475 -4.24 -0.86 9.30
N VAL A 476 -4.21 -2.12 8.84
CA VAL A 476 -4.30 -3.27 9.73
C VAL A 476 -3.01 -3.50 10.52
N ILE A 477 -1.84 -3.13 9.94
CA ILE A 477 -0.55 -3.33 10.63
C ILE A 477 -0.44 -2.54 11.94
N PRO A 478 -0.21 -3.25 13.07
CA PRO A 478 -0.10 -2.57 14.38
C PRO A 478 1.31 -2.22 14.84
N THR A 479 2.32 -2.91 14.30
CA THR A 479 3.70 -2.72 14.71
C THR A 479 4.32 -1.43 14.12
N ALA A 480 5.51 -1.07 14.60
CA ALA A 480 6.28 0.05 14.10
C ALA A 480 7.19 -0.47 12.99
N THR A 481 6.80 -0.24 11.73
CA THR A 481 7.53 -0.75 10.55
C THR A 481 8.19 0.29 9.68
N ALA A 482 9.29 -0.10 9.06
CA ALA A 482 10.01 0.74 8.12
C ALA A 482 9.90 0.15 6.68
N CYS A 483 9.76 -1.18 6.56
CA CYS A 483 9.73 -1.82 5.25
C CYS A 483 8.42 -1.55 4.47
N ASN A 484 8.47 -1.65 3.14
CA ASN A 484 7.27 -1.45 2.29
C ASN A 484 6.15 -2.45 2.74
N PRO A 485 4.96 -1.93 3.08
CA PRO A 485 3.95 -2.75 3.75
C PRO A 485 3.07 -3.69 2.95
N THR A 486 2.88 -3.46 1.63
CA THR A 486 1.93 -4.21 0.82
C THR A 486 1.99 -5.73 0.97
N LEU A 487 3.19 -6.33 0.93
CA LEU A 487 3.31 -7.78 1.12
C LEU A 487 2.75 -8.24 2.47
N THR A 488 3.04 -7.49 3.56
CA THR A 488 2.51 -7.87 4.88
C THR A 488 0.99 -7.69 4.90
N SER A 489 0.49 -6.57 4.33
CA SER A 489 -0.96 -6.31 4.34
C SER A 489 -1.73 -7.42 3.58
N VAL A 490 -1.15 -7.90 2.47
CA VAL A 490 -1.71 -9.01 1.70
C VAL A 490 -1.65 -10.29 2.53
N ALA A 491 -0.53 -10.54 3.25
CA ALA A 491 -0.40 -11.71 4.12
C ALA A 491 -1.50 -11.71 5.19
N LEU A 492 -1.81 -10.52 5.77
CA LEU A 492 -2.89 -10.41 6.76
C LEU A 492 -4.28 -10.60 6.08
N ALA A 493 -4.43 -10.11 4.84
CA ALA A 493 -5.68 -10.30 4.10
C ALA A 493 -5.95 -11.77 3.86
N VAL A 494 -4.89 -12.55 3.56
CA VAL A 494 -4.93 -14.00 3.33
C VAL A 494 -5.41 -14.74 4.56
N ARG A 495 -4.97 -14.30 5.77
CA ARG A 495 -5.44 -14.96 7.00
C ARG A 495 -6.92 -14.64 7.23
N GLY A 496 -7.31 -13.38 7.01
CA GLY A 496 -8.71 -12.98 7.13
C GLY A 496 -9.62 -13.71 6.16
N ALA A 497 -9.21 -13.81 4.89
CA ALA A 497 -9.97 -14.48 3.84
C ALA A 497 -10.13 -15.99 4.10
N ARG A 498 -9.11 -16.59 4.74
CA ARG A 498 -9.15 -18.00 5.11
C ARG A 498 -10.11 -18.25 6.26
N LYS A 499 -10.28 -17.28 7.18
CA LYS A 499 -11.22 -17.39 8.29
C LYS A 499 -12.63 -17.40 7.69
N ILE A 500 -12.89 -16.48 6.72
CA ILE A 500 -14.16 -16.40 6.01
C ILE A 500 -14.45 -17.68 5.24
N ALA A 501 -13.48 -18.18 4.45
CA ALA A 501 -13.64 -19.39 3.67
C ALA A 501 -13.92 -20.62 4.56
N GLU A 502 -13.26 -20.72 5.71
CA GLU A 502 -13.48 -21.84 6.63
C GLU A 502 -14.89 -21.76 7.18
N GLU A 503 -15.35 -20.54 7.54
CA GLU A 503 -16.68 -20.35 8.08
C GLU A 503 -17.76 -20.64 7.04
N ILE A 504 -17.59 -20.18 5.80
CA ILE A 504 -18.57 -20.42 4.74
C ILE A 504 -18.65 -21.90 4.39
N THR A 505 -17.51 -22.54 4.10
CA THR A 505 -17.49 -23.95 3.73
C THR A 505 -17.95 -24.88 4.85
N SER A 506 -17.77 -24.50 6.13
CA SER A 506 -18.20 -25.36 7.25
C SER A 506 -19.58 -24.97 7.85
N SER A 507 -20.27 -23.97 7.27
CA SER A 507 -21.57 -23.56 7.80
C SER A 507 -22.72 -24.42 7.39
N LEU A 508 -23.65 -24.63 8.32
CA LEU A 508 -24.89 -25.33 8.03
C LEU A 508 -25.88 -24.38 7.29
N LEU A 509 -25.68 -23.05 7.42
CA LEU A 509 -26.49 -22.01 6.78
C LEU A 509 -26.32 -21.97 5.26
N MET A 510 -27.16 -21.18 4.60
CA MET A 510 -27.11 -21.02 3.15
C MET A 510 -27.21 -19.55 2.75
N SER A 511 -27.17 -19.26 1.44
CA SER A 511 -27.28 -17.90 0.93
C SER A 511 -28.73 -17.39 1.02
#